data_2IXA
#
_entry.id   2IXA
#
_cell.length_a   87.659
_cell.length_b   87.659
_cell.length_c   299.427
_cell.angle_alpha   90.00
_cell.angle_beta   90.00
_cell.angle_gamma   120.00
#
_symmetry.space_group_name_H-M   'P 65 2 2'
#
loop_
_entity.id
_entity.type
_entity.pdbx_description
1 polymer ALPHA-N-ACETYLGALACTOSAMINIDASE
2 non-polymer NICOTINAMIDE-ADENINE-DINUCLEOTIDE
3 non-polymer (4R)-2-METHYLPENTANE-2,4-DIOL
4 non-polymer (4S)-2-METHYL-2,4-PENTANEDIOL
5 water water
#
_entity_poly.entity_id   1
_entity_poly.type   'polypeptide(L)'
_entity_poly.pdbx_seq_one_letter_code
;MGALIPSSTLFNIFDFNPKKVRIAFIAVGLRGQTHVENMARRDDVEIVAFADPDPYMVGRAQEILKKNGKKPAKVFGNGN
DDYKNMLKDKNIDAVFVSSPWEWHHEHGVAAMKAGKIVGMEVSGAITLEECWDYVKVSEQTGVPLMALENVCYRRDVMAI
LNMVRKGMFGELVHGTGGYQHDLRPVLFNSGINGKNGDGVEFGEKAFSEAKWRTNHYKNRNGELYPTHGVGPLHTMMDIN
RGNRLLRLSSFASKARGLHKYIVDKGGESHPNAKVEWKQGDIVTTQIQCHNGETIVLTHDTSLQRPYNLGFKVQGTEGLW
EDFGWGEAAQGFIYFEKIMNHSHRWDSSEKWIKEYDHPMWKKHEQKAVGAGHGGMDYFLDNTFVECIKRNEAFPLDVYDL
ATWYSITPLSEKSIAENGAVQEIPDFTNGKWKNAKNTFAINDDY
;
_entity_poly.pdbx_strand_id   A
#
loop_
_chem_comp.id
_chem_comp.type
_chem_comp.name
_chem_comp.formula
MPD non-polymer (4S)-2-METHYL-2,4-PENTANEDIOL 'C6 H14 O2'
MRD non-polymer (4R)-2-METHYLPENTANE-2,4-DIOL 'C6 H14 O2'
NAD non-polymer NICOTINAMIDE-ADENINE-DINUCLEOTIDE 'C21 H27 N7 O14 P2'
#
# COMPACT_ATOMS: atom_id res chain seq x y z
N LYS A 19 -5.05 3.18 29.38
CA LYS A 19 -4.08 2.13 28.92
C LYS A 19 -4.32 1.74 27.46
N LYS A 20 -5.52 2.02 26.96
CA LYS A 20 -5.92 1.61 25.61
C LYS A 20 -5.78 2.77 24.63
N VAL A 21 -5.60 2.45 23.35
CA VAL A 21 -5.33 3.45 22.31
C VAL A 21 -6.64 4.02 21.72
N ARG A 22 -6.75 5.34 21.70
CA ARG A 22 -7.95 6.00 21.21
C ARG A 22 -7.72 6.47 19.78
N ILE A 23 -8.44 5.84 18.84
CA ILE A 23 -8.18 5.99 17.40
C ILE A 23 -9.41 6.56 16.67
N ALA A 24 -9.15 7.51 15.78
CA ALA A 24 -10.20 8.04 14.90
C ALA A 24 -9.84 7.73 13.45
N PHE A 25 -10.74 8.08 12.53
CA PHE A 25 -10.56 7.77 11.12
C PHE A 25 -10.87 8.98 10.24
N ILE A 26 -9.94 9.35 9.38
CA ILE A 26 -10.22 10.34 8.33
C ILE A 26 -10.45 9.57 7.04
N ALA A 27 -11.72 9.58 6.60
CA ALA A 27 -12.21 8.80 5.46
C ALA A 27 -12.56 7.39 5.91
N VAL A 28 -13.83 7.03 5.78
CA VAL A 28 -14.33 5.69 6.14
C VAL A 28 -15.04 5.08 4.92
N GLY A 29 -14.41 5.22 3.77
CA GLY A 29 -14.80 4.53 2.55
C GLY A 29 -14.49 3.06 2.70
N LEU A 30 -14.43 2.33 1.59
CA LEU A 30 -14.31 0.89 1.63
C LEU A 30 -13.02 0.40 2.33
N ARG A 31 -11.92 1.09 2.12
CA ARG A 31 -10.64 0.68 2.75
C ARG A 31 -10.55 1.15 4.22
N GLY A 32 -10.97 2.38 4.49
CA GLY A 32 -11.12 2.85 5.87
C GLY A 32 -11.99 1.96 6.73
N GLN A 33 -13.04 1.41 6.12
CA GLN A 33 -13.91 0.42 6.76
C GLN A 33 -13.17 -0.86 7.20
N THR A 34 -12.21 -1.32 6.39
CA THR A 34 -11.37 -2.46 6.79
C THR A 34 -10.58 -2.14 8.06
N HIS A 35 -10.00 -0.95 8.13
CA HIS A 35 -9.28 -0.50 9.32
C HIS A 35 -10.21 -0.36 10.53
N VAL A 36 -11.45 0.07 10.29
CA VAL A 36 -12.45 0.17 11.35
C VAL A 36 -12.74 -1.22 11.94
N GLU A 37 -12.93 -2.21 11.08
CA GLU A 37 -13.19 -3.60 11.52
C GLU A 37 -12.02 -4.19 12.30
N ASN A 38 -10.79 -3.86 11.89
CA ASN A 38 -9.60 -4.34 12.59
C ASN A 38 -9.54 -3.77 14.01
N MET A 39 -9.76 -2.47 14.12
CA MET A 39 -9.72 -1.80 15.42
C MET A 39 -10.91 -2.20 16.28
N ALA A 40 -12.07 -2.33 15.64
CA ALA A 40 -13.31 -2.70 16.31
C ALA A 40 -13.22 -4.05 17.00
N ARG A 41 -12.36 -4.93 16.48
CA ARG A 41 -12.20 -6.29 17.02
C ARG A 41 -11.21 -6.37 18.20
N ARG A 42 -10.45 -5.30 18.43
CA ARG A 42 -9.47 -5.26 19.54
C ARG A 42 -10.09 -4.55 20.75
N ASP A 43 -9.86 -5.09 21.94
CA ASP A 43 -10.28 -4.43 23.18
C ASP A 43 -9.13 -3.63 23.82
N ASP A 44 -8.03 -3.45 23.09
CA ASP A 44 -7.00 -2.49 23.48
C ASP A 44 -7.09 -1.19 22.67
N VAL A 45 -8.25 -0.98 22.04
CA VAL A 45 -8.50 0.19 21.20
C VAL A 45 -9.93 0.68 21.44
N GLU A 46 -10.11 2.00 21.54
CA GLU A 46 -11.44 2.59 21.52
C GLU A 46 -11.55 3.46 20.27
N ILE A 47 -12.56 3.18 19.47
CA ILE A 47 -12.81 3.94 18.26
C ILE A 47 -13.65 5.14 18.67
N VAL A 48 -13.04 6.32 18.63
CA VAL A 48 -13.68 7.53 19.12
C VAL A 48 -14.56 8.21 18.05
N ALA A 49 -14.01 8.40 16.84
CA ALA A 49 -14.70 9.22 15.84
C ALA A 49 -14.39 8.86 14.37
N PHE A 50 -15.31 9.24 13.49
CA PHE A 50 -15.13 9.16 12.04
C PHE A 50 -15.25 10.56 11.41
N ALA A 51 -14.47 10.81 10.36
CA ALA A 51 -14.64 12.01 9.54
C ALA A 51 -14.78 11.59 8.07
N ASP A 52 -15.97 11.82 7.50
CA ASP A 52 -16.28 11.44 6.14
C ASP A 52 -17.56 12.17 5.68
N PRO A 53 -17.49 12.92 4.56
CA PRO A 53 -18.64 13.69 4.06
C PRO A 53 -19.71 12.85 3.35
N ASP A 54 -19.51 11.55 3.24
CA ASP A 54 -20.48 10.63 2.63
C ASP A 54 -21.23 9.88 3.73
N PRO A 55 -22.53 10.19 3.91
CA PRO A 55 -23.35 9.52 4.94
C PRO A 55 -23.48 8.00 4.76
N TYR A 56 -23.57 7.51 3.53
CA TYR A 56 -23.66 6.07 3.28
C TYR A 56 -22.41 5.31 3.77
N MET A 57 -21.23 5.87 3.53
CA MET A 57 -19.98 5.26 3.98
C MET A 57 -19.90 5.20 5.50
N VAL A 58 -20.18 6.33 6.15
CA VAL A 58 -20.28 6.39 7.62
C VAL A 58 -21.24 5.34 8.20
N GLY A 59 -22.37 5.12 7.54
CA GLY A 59 -23.38 4.19 8.02
C GLY A 59 -22.92 2.75 8.14
N ARG A 60 -22.14 2.30 7.17
CA ARG A 60 -21.65 0.91 7.19
C ARG A 60 -20.46 0.76 8.14
N ALA A 61 -19.67 1.82 8.32
CA ALA A 61 -18.64 1.88 9.36
C ALA A 61 -19.23 1.78 10.76
N GLN A 62 -20.35 2.46 10.99
CA GLN A 62 -21.06 2.37 12.25
C GLN A 62 -21.67 1.00 12.46
N GLU A 63 -22.04 0.33 11.38
CA GLU A 63 -22.59 -1.02 11.46
C GLU A 63 -21.50 -2.04 11.83
N ILE A 64 -20.27 -1.78 11.39
CA ILE A 64 -19.10 -2.61 11.74
C ILE A 64 -18.84 -2.53 13.25
N LEU A 65 -19.07 -1.35 13.81
CA LEU A 65 -18.97 -1.12 15.26
C LEU A 65 -20.03 -1.88 16.03
N LYS A 66 -21.29 -1.72 15.62
CA LYS A 66 -22.41 -2.39 16.28
C LYS A 66 -22.24 -3.90 16.24
N LYS A 67 -21.75 -4.39 15.11
CA LYS A 67 -21.49 -5.83 14.91
C LYS A 67 -20.46 -6.38 15.91
N ASN A 68 -19.49 -5.54 16.28
CA ASN A 68 -18.44 -5.95 17.22
C ASN A 68 -18.70 -5.60 18.69
N GLY A 69 -19.87 -5.01 18.96
CA GLY A 69 -20.28 -4.67 20.32
C GLY A 69 -19.56 -3.46 20.89
N LYS A 70 -19.06 -2.59 20.02
CA LYS A 70 -18.42 -1.36 20.45
C LYS A 70 -19.42 -0.23 20.19
N LYS A 71 -19.36 0.82 21.01
CA LYS A 71 -20.31 1.94 20.89
C LYS A 71 -20.04 2.80 19.65
N PRO A 72 -21.07 3.51 19.15
CA PRO A 72 -20.93 4.34 17.95
C PRO A 72 -19.88 5.45 18.08
N ALA A 73 -19.38 5.93 16.95
CA ALA A 73 -18.37 6.99 16.91
C ALA A 73 -19.03 8.34 16.62
N LYS A 74 -18.38 9.42 17.07
CA LYS A 74 -18.82 10.78 16.77
C LYS A 74 -18.55 10.99 15.28
N VAL A 75 -19.56 11.45 14.56
CA VAL A 75 -19.46 11.63 13.11
C VAL A 75 -19.18 13.09 12.79
N PHE A 76 -18.18 13.30 11.95
CA PHE A 76 -17.84 14.61 11.42
C PHE A 76 -18.07 14.55 9.90
N GLY A 77 -19.32 14.79 9.49
CA GLY A 77 -19.72 14.64 8.10
C GLY A 77 -20.04 15.93 7.37
N ASN A 78 -19.74 17.07 7.98
CA ASN A 78 -20.05 18.38 7.40
C ASN A 78 -18.97 18.87 6.44
N GLY A 79 -19.02 18.36 5.22
CA GLY A 79 -18.13 18.80 4.15
C GLY A 79 -16.77 18.16 4.24
N ASN A 80 -15.88 18.57 3.34
CA ASN A 80 -14.54 17.99 3.22
C ASN A 80 -13.58 18.41 4.32
N ASP A 81 -13.84 19.56 4.93
CA ASP A 81 -12.93 20.15 5.92
C ASP A 81 -13.29 19.79 7.37
N ASP A 82 -14.28 18.92 7.58
CA ASP A 82 -14.74 18.61 8.95
C ASP A 82 -13.75 17.74 9.76
N TYR A 83 -12.74 17.18 9.09
CA TYR A 83 -11.63 16.50 9.76
C TYR A 83 -10.85 17.45 10.66
N LYS A 84 -10.78 18.73 10.27
CA LYS A 84 -10.08 19.74 11.05
C LYS A 84 -10.65 19.90 12.46
N ASN A 85 -11.96 19.71 12.57
CA ASN A 85 -12.66 19.78 13.85
C ASN A 85 -12.52 18.51 14.69
N MET A 86 -12.46 17.36 14.02
CA MET A 86 -12.20 16.07 14.70
C MET A 86 -10.80 16.03 15.31
N LEU A 87 -9.84 16.69 14.66
CA LEU A 87 -8.44 16.72 15.11
C LEU A 87 -8.20 17.58 16.36
N LYS A 88 -9.17 18.43 16.67
CA LYS A 88 -9.15 19.25 17.90
C LYS A 88 -9.42 18.42 19.16
N ASP A 89 -9.98 17.22 18.97
CA ASP A 89 -10.27 16.32 20.07
C ASP A 89 -8.95 15.83 20.67
N LYS A 90 -8.66 16.29 21.88
CA LYS A 90 -7.44 15.95 22.59
C LYS A 90 -7.39 14.49 23.03
N ASN A 91 -8.56 13.86 23.16
CA ASN A 91 -8.64 12.44 23.52
C ASN A 91 -8.05 11.51 22.46
N ILE A 92 -8.06 11.96 21.21
CA ILE A 92 -7.54 11.21 20.05
C ILE A 92 -6.01 11.06 20.10
N ASP A 93 -5.54 9.80 20.12
CA ASP A 93 -4.10 9.47 20.13
C ASP A 93 -3.56 9.37 18.71
N ALA A 94 -4.25 8.58 17.89
CA ALA A 94 -3.79 8.28 16.53
C ALA A 94 -4.95 8.34 15.57
N VAL A 95 -4.66 8.55 14.30
CA VAL A 95 -5.69 8.46 13.24
C VAL A 95 -5.22 7.62 12.05
N PHE A 96 -6.18 6.93 11.43
CA PHE A 96 -6.01 6.28 10.12
C PHE A 96 -6.49 7.24 9.03
N VAL A 97 -5.67 7.44 8.00
CA VAL A 97 -6.05 8.23 6.81
C VAL A 97 -6.23 7.27 5.63
N SER A 98 -7.49 7.14 5.19
CA SER A 98 -7.86 6.22 4.11
C SER A 98 -8.67 7.00 3.07
N SER A 99 -8.18 8.20 2.75
CA SER A 99 -8.85 9.15 1.85
C SER A 99 -8.36 8.96 0.40
N PRO A 100 -9.01 9.63 -0.57
CA PRO A 100 -8.48 9.63 -1.94
C PRO A 100 -7.04 10.16 -2.00
N TRP A 101 -6.33 9.78 -3.05
CA TRP A 101 -4.90 10.12 -3.23
C TRP A 101 -4.61 11.63 -3.10
N GLU A 102 -5.50 12.44 -3.66
CA GLU A 102 -5.33 13.89 -3.70
CA GLU A 102 -5.33 13.87 -3.71
C GLU A 102 -5.51 14.50 -2.31
N TRP A 103 -6.15 13.77 -1.42
CA TRP A 103 -6.41 14.21 -0.06
C TRP A 103 -5.40 13.68 0.98
N HIS A 104 -4.47 12.82 0.58
CA HIS A 104 -3.55 12.19 1.53
C HIS A 104 -2.71 13.20 2.30
N HIS A 105 -1.99 14.05 1.57
CA HIS A 105 -1.08 15.05 2.15
C HIS A 105 -1.75 16.01 3.13
N GLU A 106 -2.87 16.59 2.72
CA GLU A 106 -3.60 17.56 3.54
C GLU A 106 -4.09 16.91 4.84
N HIS A 107 -4.59 15.69 4.75
CA HIS A 107 -5.13 14.98 5.91
C HIS A 107 -4.08 14.55 6.90
N GLY A 108 -2.96 14.05 6.40
CA GLY A 108 -1.89 13.52 7.23
C GLY A 108 -1.08 14.57 7.96
N VAL A 109 -0.68 15.63 7.26
CA VAL A 109 0.09 16.72 7.91
C VAL A 109 -0.74 17.50 8.95
N ALA A 110 -2.00 17.77 8.64
CA ALA A 110 -2.92 18.36 9.59
C ALA A 110 -3.09 17.46 10.81
N ALA A 111 -3.03 16.15 10.61
CA ALA A 111 -3.09 15.18 11.71
C ALA A 111 -1.86 15.28 12.60
N MET A 112 -0.68 15.25 11.99
CA MET A 112 0.60 15.37 12.72
C MET A 112 0.72 16.71 13.44
N LYS A 113 0.24 17.78 12.81
CA LYS A 113 0.27 19.13 13.40
C LYS A 113 -0.66 19.24 14.62
N ALA A 114 -1.78 18.52 14.58
CA ALA A 114 -2.67 18.41 15.71
C ALA A 114 -2.18 17.43 16.77
N GLY A 115 -1.00 16.84 16.56
CA GLY A 115 -0.38 15.95 17.53
C GLY A 115 -0.91 14.53 17.44
N LYS A 116 -1.44 14.16 16.28
CA LYS A 116 -2.03 12.83 16.09
C LYS A 116 -1.11 11.93 15.25
N ILE A 117 -0.75 10.79 15.83
CA ILE A 117 0.05 9.76 15.16
C ILE A 117 -0.76 9.23 13.97
N VAL A 118 -0.11 9.10 12.81
CA VAL A 118 -0.82 8.81 11.57
C VAL A 118 -0.51 7.44 10.98
N GLY A 119 -1.58 6.67 10.72
CA GLY A 119 -1.51 5.50 9.84
C GLY A 119 -1.94 5.94 8.44
N MET A 120 -0.99 5.98 7.51
CA MET A 120 -1.25 6.49 6.17
C MET A 120 -1.47 5.37 5.15
N GLU A 121 -2.63 5.39 4.52
CA GLU A 121 -2.90 4.45 3.44
C GLU A 121 -1.96 4.70 2.25
N VAL A 122 -1.80 3.67 1.44
CA VAL A 122 -0.83 3.69 0.35
C VAL A 122 -1.40 4.33 -0.91
N SER A 123 -0.47 4.69 -1.79
CA SER A 123 -0.72 5.38 -3.06
C SER A 123 0.64 5.93 -3.50
N GLY A 124 0.62 6.85 -4.45
CA GLY A 124 1.79 7.68 -4.74
C GLY A 124 1.48 9.12 -4.40
N ALA A 125 2.47 10.00 -4.57
CA ALA A 125 2.29 11.42 -4.28
C ALA A 125 1.75 12.14 -5.51
N ILE A 126 0.98 13.19 -5.26
CA ILE A 126 0.47 14.05 -6.32
C ILE A 126 1.64 14.86 -6.88
N THR A 127 2.48 15.37 -5.97
CA THR A 127 3.68 16.10 -6.35
C THR A 127 4.88 15.60 -5.54
N LEU A 128 6.07 15.90 -6.04
CA LEU A 128 7.30 15.62 -5.31
C LEU A 128 7.35 16.42 -4.00
N GLU A 129 6.71 17.59 -4.00
CA GLU A 129 6.78 18.54 -2.89
C GLU A 129 6.14 17.98 -1.62
N GLU A 130 5.00 17.30 -1.76
CA GLU A 130 4.32 16.75 -0.57
C GLU A 130 5.14 15.66 0.13
N CYS A 131 5.99 14.96 -0.63
CA CYS A 131 6.85 13.91 -0.05
C CYS A 131 7.77 14.49 1.00
N TRP A 132 8.39 15.62 0.67
CA TRP A 132 9.26 16.33 1.60
C TRP A 132 8.50 16.94 2.77
N ASP A 133 7.29 17.42 2.50
CA ASP A 133 6.46 18.03 3.54
C ASP A 133 6.03 16.99 4.58
N TYR A 134 5.85 15.75 4.18
CA TYR A 134 5.51 14.69 5.14
C TYR A 134 6.61 14.56 6.17
N VAL A 135 7.84 14.37 5.68
CA VAL A 135 8.98 14.10 6.55
C VAL A 135 9.30 15.31 7.41
N LYS A 136 9.32 16.48 6.76
CA LYS A 136 9.69 17.71 7.44
C LYS A 136 8.66 18.12 8.49
N VAL A 137 7.38 17.89 8.24
CA VAL A 137 6.32 18.10 9.25
C VAL A 137 6.44 17.12 10.41
N SER A 138 6.83 15.87 10.11
CA SER A 138 6.93 14.81 11.10
C SER A 138 8.14 15.02 12.00
N GLU A 139 9.23 15.51 11.42
CA GLU A 139 10.45 15.78 12.18
C GLU A 139 10.26 16.96 13.13
N GLN A 140 9.54 17.98 12.68
CA GLN A 140 9.25 19.18 13.48
C GLN A 140 8.27 18.90 14.63
N THR A 141 7.19 18.19 14.32
CA THR A 141 6.15 17.90 15.30
C THR A 141 6.54 16.75 16.23
N GLY A 142 7.47 15.90 15.78
CA GLY A 142 7.88 14.72 16.53
C GLY A 142 6.81 13.64 16.51
N VAL A 143 5.85 13.79 15.62
CA VAL A 143 4.72 12.86 15.49
C VAL A 143 5.02 11.89 14.35
N PRO A 144 5.19 10.58 14.65
CA PRO A 144 5.55 9.63 13.60
C PRO A 144 4.39 9.24 12.68
N LEU A 145 4.72 8.74 11.51
CA LEU A 145 3.73 8.30 10.54
C LEU A 145 4.12 6.92 10.00
N MET A 146 3.15 6.00 9.96
CA MET A 146 3.35 4.67 9.38
C MET A 146 2.81 4.55 7.96
N ALA A 147 3.66 4.09 7.04
CA ALA A 147 3.21 3.64 5.72
C ALA A 147 2.48 2.29 5.88
N LEU A 148 1.18 2.29 5.62
CA LEU A 148 0.36 1.09 5.81
C LEU A 148 0.40 0.15 4.59
N GLU A 149 1.57 -0.44 4.36
CA GLU A 149 1.78 -1.39 3.28
C GLU A 149 1.49 -2.81 3.78
N ASN A 150 0.30 -3.29 3.45
CA ASN A 150 -0.20 -4.56 3.94
C ASN A 150 0.49 -5.75 3.29
N VAL A 151 0.86 -5.64 2.01
CA VAL A 151 1.50 -6.75 1.29
C VAL A 151 2.85 -7.14 1.90
N CYS A 152 3.48 -6.24 2.65
CA CYS A 152 4.66 -6.60 3.44
C CYS A 152 4.36 -7.68 4.49
N TYR A 153 3.10 -7.79 4.89
CA TYR A 153 2.65 -8.79 5.86
C TYR A 153 1.93 -9.98 5.23
N ARG A 154 2.08 -10.17 3.92
CA ARG A 154 1.46 -11.31 3.24
C ARG A 154 2.22 -12.57 3.63
N ARG A 155 1.49 -13.66 3.86
CA ARG A 155 2.06 -14.86 4.49
C ARG A 155 3.28 -15.38 3.72
N ASP A 156 3.16 -15.49 2.39
CA ASP A 156 4.26 -15.97 1.57
C ASP A 156 5.45 -14.99 1.56
N VAL A 157 5.14 -13.69 1.40
CA VAL A 157 6.14 -12.61 1.49
C VAL A 157 6.90 -12.60 2.83
N MET A 158 6.19 -12.75 3.95
CA MET A 158 6.86 -12.86 5.26
C MET A 158 7.73 -14.11 5.36
N ALA A 159 7.26 -15.23 4.81
CA ALA A 159 8.05 -16.44 4.72
C ALA A 159 9.34 -16.25 3.90
N ILE A 160 9.23 -15.55 2.77
CA ILE A 160 10.39 -15.26 1.91
C ILE A 160 11.39 -14.33 2.61
N LEU A 161 10.87 -13.29 3.25
CA LEU A 161 11.65 -12.41 4.14
C LEU A 161 12.46 -13.19 5.18
N ASN A 162 11.81 -14.13 5.85
CA ASN A 162 12.46 -15.03 6.80
C ASN A 162 13.59 -15.84 6.16
N MET A 163 13.34 -16.39 4.97
CA MET A 163 14.37 -17.13 4.23
C MET A 163 15.56 -16.25 3.80
N VAL A 164 15.27 -15.05 3.34
CA VAL A 164 16.31 -14.07 3.04
C VAL A 164 17.19 -13.80 4.25
N ARG A 165 16.57 -13.60 5.41
CA ARG A 165 17.32 -13.32 6.65
C ARG A 165 18.08 -14.54 7.17
N LYS A 166 17.56 -15.74 6.90
CA LYS A 166 18.28 -16.98 7.19
C LYS A 166 19.47 -17.26 6.25
N GLY A 167 19.64 -16.42 5.21
CA GLY A 167 20.76 -16.55 4.27
C GLY A 167 20.51 -17.51 3.11
N MET A 168 19.27 -17.96 2.96
CA MET A 168 18.91 -18.99 1.98
C MET A 168 18.94 -18.51 0.54
N PHE A 169 18.71 -17.22 0.35
CA PHE A 169 18.81 -16.59 -0.97
C PHE A 169 20.24 -16.09 -1.25
N GLY A 170 21.13 -16.24 -0.29
CA GLY A 170 22.45 -15.65 -0.39
C GLY A 170 22.35 -14.13 -0.45
N GLU A 171 23.19 -13.53 -1.28
CA GLU A 171 23.19 -12.09 -1.48
C GLU A 171 22.24 -11.75 -2.60
N LEU A 172 21.22 -10.94 -2.29
CA LEU A 172 20.25 -10.49 -3.28
C LEU A 172 20.90 -9.49 -4.25
N VAL A 173 20.55 -9.64 -5.53
CA VAL A 173 21.01 -8.74 -6.58
C VAL A 173 19.84 -8.08 -7.33
N HIS A 174 18.65 -8.67 -7.27
CA HIS A 174 17.55 -8.25 -8.12
C HIS A 174 16.21 -8.71 -7.57
N GLY A 175 15.19 -7.86 -7.77
CA GLY A 175 13.82 -8.21 -7.48
C GLY A 175 12.84 -7.53 -8.41
N THR A 176 11.66 -8.14 -8.55
CA THR A 176 10.54 -7.53 -9.26
C THR A 176 9.26 -7.60 -8.43
N GLY A 177 8.30 -6.75 -8.79
CA GLY A 177 7.00 -6.74 -8.14
C GLY A 177 6.20 -5.62 -8.76
N GLY A 178 4.90 -5.61 -8.54
CA GLY A 178 4.08 -4.58 -9.15
C GLY A 178 2.64 -4.73 -8.80
N TYR A 179 1.90 -3.62 -8.85
CA TYR A 179 0.47 -3.69 -8.70
C TYR A 179 -0.11 -4.10 -10.04
N GLN A 180 -0.37 -5.40 -10.15
CA GLN A 180 -0.96 -6.01 -11.35
C GLN A 180 -2.29 -6.64 -10.94
N HIS A 181 -3.33 -5.83 -11.03
CA HIS A 181 -4.65 -6.18 -10.53
C HIS A 181 -5.67 -5.45 -11.36
N ASP A 182 -6.51 -6.20 -12.07
CA ASP A 182 -7.56 -5.66 -12.90
C ASP A 182 -8.49 -4.76 -12.06
N LEU A 183 -8.40 -3.44 -12.29
CA LEU A 183 -9.18 -2.43 -11.55
C LEU A 183 -10.33 -1.82 -12.37
N ARG A 184 -10.52 -2.32 -13.59
CA ARG A 184 -11.59 -1.84 -14.46
C ARG A 184 -12.99 -1.82 -13.80
N PRO A 185 -13.38 -2.91 -13.11
CA PRO A 185 -14.67 -2.92 -12.39
C PRO A 185 -14.78 -1.99 -11.17
N VAL A 186 -13.66 -1.42 -10.75
CA VAL A 186 -13.62 -0.50 -9.63
C VAL A 186 -13.49 0.94 -10.12
N LEU A 187 -12.81 1.12 -11.25
CA LEU A 187 -12.62 2.45 -11.84
C LEU A 187 -13.90 2.96 -12.50
N PHE A 188 -14.83 2.05 -12.76
CA PHE A 188 -16.11 2.37 -13.38
C PHE A 188 -17.22 1.59 -12.73
N ASN A 189 -18.30 2.29 -12.41
CA ASN A 189 -19.50 1.65 -11.90
C ASN A 189 -20.70 2.51 -12.28
N SER A 190 -21.86 2.21 -11.74
CA SER A 190 -23.07 2.96 -12.06
C SER A 190 -23.21 4.22 -11.21
N GLY A 191 -22.72 4.17 -9.97
CA GLY A 191 -22.91 5.26 -9.02
C GLY A 191 -23.83 4.86 -7.88
N ILE A 192 -24.45 3.69 -8.01
CA ILE A 192 -25.31 3.10 -6.98
C ILE A 192 -24.46 2.76 -5.76
N ASN A 193 -24.90 3.17 -4.58
CA ASN A 193 -24.13 2.91 -3.36
C ASN A 193 -24.00 1.40 -3.10
N GLY A 194 -22.76 0.97 -2.92
CA GLY A 194 -22.45 -0.42 -2.56
C GLY A 194 -22.06 -1.30 -3.74
N LYS A 195 -22.09 -0.75 -4.95
CA LYS A 195 -21.96 -1.55 -6.16
C LYS A 195 -20.72 -1.19 -6.99
N ASN A 196 -20.00 -2.21 -7.41
CA ASN A 196 -18.90 -2.07 -8.38
C ASN A 196 -19.18 -2.92 -9.63
N GLY A 197 -18.44 -2.64 -10.69
CA GLY A 197 -18.51 -3.42 -11.94
C GLY A 197 -19.89 -3.53 -12.54
N ASP A 198 -20.69 -2.48 -12.41
CA ASP A 198 -22.10 -2.51 -12.82
C ASP A 198 -22.47 -1.32 -13.70
N GLY A 199 -21.46 -0.72 -14.32
CA GLY A 199 -21.68 0.46 -15.13
C GLY A 199 -20.38 1.04 -15.68
N VAL A 200 -20.51 2.17 -16.35
CA VAL A 200 -19.40 2.78 -17.07
C VAL A 200 -19.17 4.24 -16.63
N GLU A 201 -19.74 4.62 -15.48
CA GLU A 201 -19.60 5.98 -14.99
C GLU A 201 -18.34 6.14 -14.13
N PHE A 202 -17.75 7.33 -14.17
CA PHE A 202 -16.70 7.73 -13.24
C PHE A 202 -16.87 9.23 -12.92
N GLY A 203 -16.12 9.71 -11.92
CA GLY A 203 -16.20 11.12 -11.50
C GLY A 203 -17.29 11.39 -10.46
N GLU A 204 -17.87 12.59 -10.50
CA GLU A 204 -18.75 13.07 -9.44
C GLU A 204 -20.03 12.22 -9.23
N LYS A 205 -20.52 11.62 -10.32
CA LYS A 205 -21.73 10.80 -10.27
C LYS A 205 -21.49 9.30 -9.94
N ALA A 206 -20.22 8.88 -9.85
CA ALA A 206 -19.87 7.46 -9.61
C ALA A 206 -19.60 7.17 -8.14
N PHE A 207 -19.52 5.89 -7.79
CA PHE A 207 -19.39 5.45 -6.39
C PHE A 207 -17.99 4.95 -6.06
N SER A 208 -17.58 5.17 -4.81
CA SER A 208 -16.29 4.73 -4.27
C SER A 208 -15.13 5.20 -5.15
N GLU A 209 -14.19 4.31 -5.47
CA GLU A 209 -12.94 4.71 -6.17
C GLU A 209 -13.13 5.26 -7.57
N ALA A 210 -14.20 4.82 -8.26
CA ALA A 210 -14.59 5.39 -9.56
C ALA A 210 -14.80 6.91 -9.49
N LYS A 211 -15.24 7.40 -8.34
CA LYS A 211 -15.45 8.84 -8.15
C LYS A 211 -14.18 9.68 -8.28
N TRP A 212 -13.04 9.15 -7.83
CA TRP A 212 -11.82 9.95 -7.75
C TRP A 212 -10.60 9.32 -8.44
N ARG A 213 -10.46 7.99 -8.35
CA ARG A 213 -9.21 7.33 -8.81
C ARG A 213 -9.09 7.37 -10.33
N THR A 214 -10.23 7.17 -11.01
CA THR A 214 -10.27 7.10 -12.47
C THR A 214 -9.83 8.39 -13.15
N ASN A 215 -10.06 9.54 -12.51
CA ASN A 215 -9.61 10.82 -13.03
C ASN A 215 -8.10 10.91 -13.19
N HIS A 216 -7.37 10.20 -12.33
CA HIS A 216 -5.91 10.15 -12.40
C HIS A 216 -5.44 9.44 -13.67
N TYR A 217 -6.26 8.50 -14.15
CA TYR A 217 -5.97 7.78 -15.39
C TYR A 217 -6.21 8.67 -16.61
N LYS A 218 -7.16 9.58 -16.49
CA LYS A 218 -7.45 10.55 -17.54
C LYS A 218 -6.33 11.60 -17.66
N ASN A 219 -5.84 12.10 -16.53
CA ASN A 219 -4.97 13.30 -16.52
C ASN A 219 -3.47 13.03 -16.38
N ARG A 220 -3.10 11.80 -16.00
CA ARG A 220 -1.70 11.48 -15.70
C ARG A 220 -1.27 10.18 -16.36
N ASN A 221 0.05 9.99 -16.44
CA ASN A 221 0.67 8.78 -16.99
C ASN A 221 1.97 8.44 -16.23
N GLY A 222 1.90 7.43 -15.36
CA GLY A 222 3.07 7.00 -14.59
C GLY A 222 2.79 5.86 -13.65
N GLU A 223 3.77 5.55 -12.81
CA GLU A 223 3.65 4.51 -11.77
C GLU A 223 2.78 5.05 -10.64
N LEU A 224 1.46 4.93 -10.81
CA LEU A 224 0.48 5.55 -9.92
C LEU A 224 0.27 4.78 -8.61
N TYR A 225 0.86 3.60 -8.48
CA TYR A 225 0.59 2.75 -7.32
C TYR A 225 1.77 1.79 -7.04
N PRO A 226 2.90 2.31 -6.51
CA PRO A 226 4.16 1.56 -6.38
C PRO A 226 4.41 0.77 -5.09
N THR A 227 3.60 0.94 -4.08
CA THR A 227 3.94 0.43 -2.74
C THR A 227 3.80 -1.08 -2.57
N HIS A 228 2.80 -1.68 -3.24
CA HIS A 228 2.54 -3.10 -3.09
C HIS A 228 3.68 -3.95 -3.66
N GLY A 229 4.27 -3.50 -4.77
CA GLY A 229 5.40 -4.19 -5.36
C GLY A 229 6.75 -3.89 -4.71
N VAL A 230 7.00 -2.62 -4.40
CA VAL A 230 8.31 -2.21 -3.89
C VAL A 230 8.48 -2.54 -2.40
N GLY A 231 7.39 -2.45 -1.64
CA GLY A 231 7.41 -2.66 -0.19
C GLY A 231 8.08 -3.93 0.33
N PRO A 232 7.64 -5.10 -0.14
CA PRO A 232 8.35 -6.34 0.16
C PRO A 232 9.85 -6.32 -0.14
N LEU A 233 10.22 -5.79 -1.31
CA LEU A 233 11.62 -5.72 -1.71
C LEU A 233 12.39 -4.76 -0.81
N HIS A 234 11.74 -3.67 -0.42
CA HIS A 234 12.26 -2.66 0.51
C HIS A 234 12.77 -3.33 1.79
N THR A 235 11.90 -4.15 2.37
CA THR A 235 12.20 -4.87 3.62
C THR A 235 13.28 -5.93 3.45
N MET A 236 13.32 -6.55 2.28
CA MET A 236 14.27 -7.64 2.01
C MET A 236 15.65 -7.11 1.63
N MET A 237 15.69 -5.95 0.98
CA MET A 237 16.96 -5.31 0.55
C MET A 237 17.47 -4.22 1.49
N ASP A 238 16.78 -4.02 2.61
CA ASP A 238 17.14 -3.01 3.63
C ASP A 238 17.11 -1.56 3.13
N ILE A 239 16.11 -1.23 2.33
CA ILE A 239 15.99 0.12 1.78
C ILE A 239 15.68 1.11 2.92
N ASN A 240 16.40 2.23 2.90
CA ASN A 240 16.43 3.20 3.99
C ASN A 240 16.96 2.66 5.33
N ARG A 241 17.47 1.42 5.34
CA ARG A 241 18.00 0.78 6.55
C ARG A 241 19.34 0.09 6.26
N GLY A 242 20.25 0.82 5.65
CA GLY A 242 21.55 0.28 5.22
C GLY A 242 21.70 0.26 3.70
N ASN A 243 20.59 0.54 3.01
CA ASN A 243 20.54 0.67 1.56
C ASN A 243 19.56 1.79 1.26
N ARG A 244 19.53 2.26 0.03
CA ARG A 244 18.46 3.16 -0.40
C ARG A 244 18.30 3.17 -1.92
N LEU A 245 17.25 3.83 -2.40
CA LEU A 245 16.96 3.92 -3.82
C LEU A 245 17.64 5.14 -4.41
N LEU A 246 18.43 4.93 -5.46
CA LEU A 246 19.21 5.99 -6.11
C LEU A 246 18.44 6.73 -7.20
N ARG A 247 17.94 5.99 -8.18
CA ARG A 247 17.35 6.61 -9.38
C ARG A 247 16.39 5.66 -10.08
N LEU A 248 15.62 6.20 -11.02
CA LEU A 248 14.65 5.38 -11.75
C LEU A 248 14.49 5.85 -13.19
N SER A 249 13.86 4.99 -13.99
CA SER A 249 13.47 5.31 -15.36
C SER A 249 12.17 4.55 -15.65
N SER A 250 11.19 5.26 -16.21
CA SER A 250 9.85 4.72 -16.43
C SER A 250 9.45 4.77 -17.90
N PHE A 251 9.02 3.62 -18.42
CA PHE A 251 8.48 3.51 -19.77
C PHE A 251 6.99 3.18 -19.67
N ALA A 252 6.18 3.85 -20.48
CA ALA A 252 4.74 3.66 -20.46
C ALA A 252 4.33 3.15 -21.83
N SER A 253 3.51 2.10 -21.84
CA SER A 253 2.88 1.63 -23.07
C SER A 253 1.71 2.55 -23.44
N LYS A 254 1.13 2.31 -24.61
CA LYS A 254 -0.15 2.94 -24.99
C LYS A 254 -1.28 2.53 -24.06
N ALA A 255 -2.34 3.34 -24.05
CA ALA A 255 -3.53 3.07 -23.29
C ALA A 255 -4.59 2.59 -24.28
N ARG A 256 -5.13 1.39 -24.02
CA ARG A 256 -6.17 0.78 -24.84
C ARG A 256 -7.26 0.09 -24.01
N GLY A 257 -6.93 -0.36 -22.81
CA GLY A 257 -7.81 -1.22 -22.02
C GLY A 257 -9.03 -0.55 -21.42
N LEU A 258 -8.90 0.72 -21.01
CA LEU A 258 -10.03 1.42 -20.39
C LEU A 258 -11.07 1.81 -21.43
N HIS A 259 -10.64 2.23 -22.61
CA HIS A 259 -11.56 2.54 -23.70
C HIS A 259 -12.32 1.29 -24.15
N LYS A 260 -11.59 0.18 -24.30
CA LYS A 260 -12.17 -1.10 -24.73
C LYS A 260 -13.22 -1.61 -23.73
N TYR A 261 -12.94 -1.44 -22.44
CA TYR A 261 -13.84 -1.88 -21.37
C TYR A 261 -15.14 -1.09 -21.40
N ILE A 262 -15.02 0.22 -21.61
CA ILE A 262 -16.17 1.10 -21.68
C ILE A 262 -17.07 0.74 -22.86
N VAL A 263 -16.46 0.39 -24.00
CA VAL A 263 -17.23 0.04 -25.20
C VAL A 263 -17.90 -1.33 -25.00
N ASP A 264 -17.17 -2.29 -24.42
CA ASP A 264 -17.71 -3.64 -24.22
C ASP A 264 -18.85 -3.68 -23.20
N LYS A 265 -18.81 -2.80 -22.19
CA LYS A 265 -19.79 -2.78 -21.09
C LYS A 265 -21.01 -1.92 -21.39
N GLY A 266 -20.77 -0.68 -21.82
CA GLY A 266 -21.83 0.31 -22.04
C GLY A 266 -21.92 0.91 -23.44
N GLY A 267 -21.40 0.19 -24.42
CA GLY A 267 -21.55 0.56 -25.83
C GLY A 267 -20.73 1.76 -26.27
N GLU A 268 -20.66 1.94 -27.59
CA GLU A 268 -19.95 3.08 -28.20
C GLU A 268 -20.67 4.40 -28.00
N SER A 269 -21.98 4.34 -27.72
CA SER A 269 -22.80 5.53 -27.60
C SER A 269 -22.62 6.31 -26.29
N HIS A 270 -21.91 5.73 -25.33
CA HIS A 270 -21.71 6.40 -24.03
C HIS A 270 -20.85 7.65 -24.22
N PRO A 271 -21.13 8.74 -23.47
CA PRO A 271 -20.23 9.89 -23.53
C PRO A 271 -18.76 9.53 -23.20
N ASN A 272 -18.58 8.57 -22.31
CA ASN A 272 -17.25 8.13 -21.85
C ASN A 272 -16.41 7.36 -22.87
N ALA A 273 -17.04 6.86 -23.93
CA ALA A 273 -16.30 6.25 -25.03
C ALA A 273 -15.41 7.27 -25.77
N LYS A 274 -15.59 8.55 -25.49
CA LYS A 274 -14.87 9.62 -26.19
C LYS A 274 -13.61 10.10 -25.46
N VAL A 275 -13.42 9.70 -24.20
CA VAL A 275 -12.29 10.19 -23.40
C VAL A 275 -11.00 9.45 -23.74
N GLU A 276 -9.96 10.22 -24.09
CA GLU A 276 -8.63 9.68 -24.35
C GLU A 276 -7.91 9.56 -23.03
N TRP A 277 -7.52 8.33 -22.68
CA TRP A 277 -6.84 8.05 -21.41
C TRP A 277 -5.33 8.23 -21.57
N LYS A 278 -4.71 8.91 -20.61
CA LYS A 278 -3.29 9.22 -20.68
C LYS A 278 -2.47 8.11 -20.04
N GLN A 279 -3.07 7.43 -19.06
CA GLN A 279 -2.36 6.38 -18.32
C GLN A 279 -2.21 5.12 -19.18
N GLY A 280 -0.97 4.83 -19.57
CA GLY A 280 -0.65 3.62 -20.30
C GLY A 280 -0.97 2.36 -19.51
N ASP A 281 -1.38 1.31 -20.22
CA ASP A 281 -1.84 0.07 -19.59
C ASP A 281 -0.76 -0.60 -18.78
N ILE A 282 0.47 -0.56 -19.29
CA ILE A 282 1.63 -1.07 -18.58
C ILE A 282 2.66 0.03 -18.43
N VAL A 283 3.02 0.31 -17.20
CA VAL A 283 4.12 1.23 -16.91
C VAL A 283 5.15 0.45 -16.14
N THR A 284 6.36 0.38 -16.67
CA THR A 284 7.47 -0.31 -15.99
C THR A 284 8.49 0.72 -15.51
N THR A 285 9.07 0.44 -14.35
CA THR A 285 10.02 1.33 -13.68
C THR A 285 11.24 0.54 -13.19
N GLN A 286 12.41 0.88 -13.72
CA GLN A 286 13.70 0.33 -13.24
C GLN A 286 14.27 1.24 -12.18
N ILE A 287 14.78 0.64 -11.09
CA ILE A 287 15.29 1.38 -9.96
C ILE A 287 16.65 0.81 -9.54
N GLN A 288 17.65 1.68 -9.44
CA GLN A 288 18.97 1.29 -8.93
C GLN A 288 19.01 1.49 -7.41
N CYS A 289 19.59 0.51 -6.72
CA CYS A 289 19.76 0.55 -5.28
C CYS A 289 21.22 0.80 -4.94
N HIS A 290 21.47 1.35 -3.75
CA HIS A 290 22.81 1.80 -3.39
C HIS A 290 23.79 0.63 -3.36
N ASN A 291 23.35 -0.49 -2.77
CA ASN A 291 24.24 -1.65 -2.58
C ASN A 291 24.23 -2.62 -3.77
N GLY A 292 23.86 -2.11 -4.94
CA GLY A 292 24.03 -2.85 -6.19
C GLY A 292 22.77 -3.52 -6.70
N GLU A 293 21.76 -3.67 -5.86
CA GLU A 293 20.54 -4.34 -6.30
C GLU A 293 19.82 -3.47 -7.34
N THR A 294 18.93 -4.10 -8.11
CA THR A 294 18.04 -3.39 -9.03
C THR A 294 16.63 -3.91 -8.84
N ILE A 295 15.66 -3.05 -9.06
CA ILE A 295 14.25 -3.37 -8.87
C ILE A 295 13.50 -2.91 -10.09
N VAL A 296 12.58 -3.74 -10.57
CA VAL A 296 11.68 -3.38 -11.65
C VAL A 296 10.24 -3.52 -11.15
N LEU A 297 9.50 -2.41 -11.17
CA LEU A 297 8.07 -2.41 -10.85
C LEU A 297 7.24 -2.40 -12.11
N THR A 298 5.99 -2.83 -11.98
CA THR A 298 5.05 -2.84 -13.09
C THR A 298 3.68 -2.42 -12.56
N HIS A 299 3.11 -1.38 -13.18
CA HIS A 299 1.75 -0.93 -12.88
C HIS A 299 0.85 -1.46 -14.00
N ASP A 300 -0.17 -2.20 -13.61
CA ASP A 300 -0.98 -2.96 -14.55
C ASP A 300 -2.36 -3.12 -13.92
N THR A 301 -3.24 -2.15 -14.20
CA THR A 301 -4.58 -2.14 -13.60
C THR A 301 -5.73 -1.91 -14.59
N SER A 302 -5.43 -1.71 -15.87
CA SER A 302 -6.48 -1.41 -16.87
C SER A 302 -6.62 -2.49 -17.96
N LEU A 303 -6.25 -3.73 -17.62
CA LEU A 303 -6.35 -4.86 -18.54
C LEU A 303 -6.87 -6.12 -17.85
N GLN A 304 -7.50 -6.98 -18.65
CA GLN A 304 -7.84 -8.32 -18.21
C GLN A 304 -6.60 -9.07 -17.72
N ARG A 305 -6.76 -9.81 -16.63
CA ARG A 305 -5.72 -10.63 -16.09
C ARG A 305 -6.18 -11.23 -14.77
N PRO A 306 -5.61 -12.39 -14.40
CA PRO A 306 -5.70 -12.82 -13.01
C PRO A 306 -4.91 -11.89 -12.12
N TYR A 307 -5.23 -11.89 -10.84
CA TYR A 307 -4.48 -11.14 -9.84
C TYR A 307 -3.13 -11.78 -9.60
N ASN A 308 -2.06 -11.00 -9.80
CA ASN A 308 -0.73 -11.45 -9.45
C ASN A 308 0.24 -10.30 -9.49
N LEU A 309 0.90 -10.07 -8.36
CA LEU A 309 1.83 -8.94 -8.22
C LEU A 309 3.21 -9.17 -8.84
N GLY A 310 3.42 -10.38 -9.36
CA GLY A 310 4.58 -10.71 -10.18
C GLY A 310 5.88 -10.52 -9.43
N PHE A 311 5.94 -11.11 -8.22
CA PHE A 311 7.14 -11.03 -7.40
C PHE A 311 8.29 -11.90 -7.92
N LYS A 312 9.50 -11.34 -7.85
CA LYS A 312 10.73 -12.12 -8.01
C LYS A 312 11.72 -11.64 -6.97
N VAL A 313 12.26 -12.58 -6.20
CA VAL A 313 13.38 -12.29 -5.30
C VAL A 313 14.49 -13.21 -5.75
N GLN A 314 15.63 -12.62 -6.08
CA GLN A 314 16.72 -13.31 -6.72
C GLN A 314 18.07 -12.94 -6.11
N GLY A 315 18.76 -13.94 -5.59
CA GLY A 315 20.11 -13.79 -5.08
C GLY A 315 21.02 -14.89 -5.53
N THR A 316 22.21 -14.94 -4.95
CA THR A 316 23.25 -15.87 -5.38
C THR A 316 22.97 -17.33 -5.02
N GLU A 317 22.01 -17.57 -4.14
CA GLU A 317 21.67 -18.93 -3.71
C GLU A 317 20.19 -19.27 -3.74
N GLY A 318 19.34 -18.30 -4.09
CA GLY A 318 17.90 -18.53 -4.15
C GLY A 318 17.18 -17.67 -5.17
N LEU A 319 16.09 -18.21 -5.68
CA LEU A 319 15.25 -17.51 -6.64
C LEU A 319 13.79 -17.91 -6.38
N TRP A 320 12.93 -16.91 -6.19
CA TRP A 320 11.51 -17.12 -5.96
C TRP A 320 10.69 -16.30 -6.95
N GLU A 321 9.71 -16.93 -7.58
CA GLU A 321 8.75 -16.23 -8.42
C GLU A 321 7.31 -16.70 -8.13
N ASP A 322 6.40 -15.77 -7.92
CA ASP A 322 4.99 -16.11 -7.65
C ASP A 322 4.10 -15.92 -8.87
N PHE A 323 2.94 -16.58 -8.84
CA PHE A 323 1.95 -16.44 -9.89
C PHE A 323 0.54 -16.24 -9.40
N GLY A 324 0.35 -16.13 -8.08
CA GLY A 324 -1.00 -16.05 -7.51
C GLY A 324 -1.20 -14.83 -6.63
N TRP A 325 -2.08 -14.98 -5.63
CA TRP A 325 -2.44 -13.90 -4.70
C TRP A 325 -1.91 -14.18 -3.29
N GLY A 326 -0.86 -15.00 -3.21
CA GLY A 326 -0.10 -15.14 -1.98
C GLY A 326 -0.18 -16.46 -1.25
N GLU A 327 -0.93 -17.42 -1.77
CA GLU A 327 -1.03 -18.73 -1.12
C GLU A 327 0.28 -19.51 -1.24
N ALA A 328 0.53 -20.44 -0.31
CA ALA A 328 1.82 -21.13 -0.19
C ALA A 328 2.29 -21.78 -1.51
N ALA A 329 1.37 -22.42 -2.22
CA ALA A 329 1.69 -23.21 -3.41
C ALA A 329 1.70 -22.39 -4.72
N GLN A 330 1.42 -21.09 -4.65
CA GLN A 330 1.24 -20.26 -5.86
C GLN A 330 2.57 -19.60 -6.30
N GLY A 331 3.63 -20.39 -6.33
CA GLY A 331 4.93 -19.89 -6.73
C GLY A 331 5.94 -20.97 -7.03
N PHE A 332 7.10 -20.55 -7.49
CA PHE A 332 8.18 -21.46 -7.81
C PHE A 332 9.39 -21.00 -7.03
N ILE A 333 10.24 -21.95 -6.63
CA ILE A 333 11.42 -21.59 -5.87
C ILE A 333 12.58 -22.54 -6.24
N TYR A 334 13.81 -22.01 -6.22
CA TYR A 334 14.99 -22.80 -6.52
C TYR A 334 16.12 -22.37 -5.60
N PHE A 335 16.60 -23.34 -4.81
CA PHE A 335 17.74 -23.18 -3.93
C PHE A 335 18.77 -24.23 -4.31
N GLU A 336 19.75 -23.82 -5.10
CA GLU A 336 20.84 -24.68 -5.60
C GLU A 336 21.40 -25.70 -4.62
N LYS A 337 21.93 -25.20 -3.50
CA LYS A 337 22.70 -26.01 -2.57
C LYS A 337 21.79 -26.93 -1.76
N ILE A 338 20.55 -26.50 -1.52
CA ILE A 338 19.59 -27.28 -0.73
C ILE A 338 18.88 -28.31 -1.63
N MET A 339 18.75 -28.01 -2.92
CA MET A 339 17.99 -28.86 -3.85
C MET A 339 18.84 -29.72 -4.77
N ASN A 340 20.09 -29.99 -4.38
CA ASN A 340 20.95 -30.94 -5.11
C ASN A 340 21.26 -30.54 -6.55
N HIS A 341 21.34 -29.24 -6.80
CA HIS A 341 21.65 -28.70 -8.13
C HIS A 341 20.81 -29.38 -9.23
N SER A 342 19.51 -29.49 -8.96
CA SER A 342 18.57 -30.19 -9.84
C SER A 342 18.27 -29.42 -11.11
N HIS A 343 18.47 -28.10 -11.06
CA HIS A 343 18.12 -27.20 -12.16
C HIS A 343 16.61 -27.20 -12.50
N ARG A 344 15.79 -27.55 -11.53
CA ARG A 344 14.34 -27.58 -11.72
C ARG A 344 13.66 -26.74 -10.64
N TRP A 345 12.58 -26.05 -11.02
CA TRP A 345 11.74 -25.35 -10.05
C TRP A 345 11.16 -26.36 -9.08
N ASP A 346 11.08 -25.98 -7.82
CA ASP A 346 10.23 -26.68 -6.88
C ASP A 346 8.97 -25.86 -6.73
N SER A 347 7.87 -26.48 -6.32
CA SER A 347 6.73 -25.69 -5.86
C SER A 347 7.14 -24.92 -4.61
N SER A 348 6.67 -23.69 -4.48
CA SER A 348 6.98 -22.90 -3.30
C SER A 348 6.30 -23.44 -2.03
N GLU A 349 5.28 -24.28 -2.19
CA GLU A 349 4.43 -24.73 -1.07
C GLU A 349 5.16 -25.16 0.22
N LYS A 350 6.05 -26.14 0.12
CA LYS A 350 6.70 -26.70 1.30
C LYS A 350 7.68 -25.70 1.91
N TRP A 351 8.18 -24.77 1.10
CA TRP A 351 9.14 -23.78 1.58
C TRP A 351 8.45 -22.64 2.32
N ILE A 352 7.32 -22.20 1.78
CA ILE A 352 6.52 -21.15 2.43
C ILE A 352 5.96 -21.62 3.78
N LYS A 353 5.65 -22.91 3.87
CA LYS A 353 5.10 -23.50 5.09
C LYS A 353 6.19 -23.78 6.12
N GLU A 354 7.35 -24.25 5.66
CA GLU A 354 8.49 -24.57 6.53
C GLU A 354 9.10 -23.31 7.13
N TYR A 355 9.06 -22.21 6.37
CA TYR A 355 9.72 -20.98 6.76
C TYR A 355 8.70 -19.86 6.95
N ASP A 356 7.49 -20.27 7.32
CA ASP A 356 6.44 -19.36 7.75
C ASP A 356 7.03 -18.48 8.82
N HIS A 357 6.87 -17.16 8.66
CA HIS A 357 7.40 -16.20 9.63
C HIS A 357 6.80 -16.45 11.00
N PRO A 358 7.64 -16.44 12.06
CA PRO A 358 7.20 -16.65 13.44
C PRO A 358 5.96 -15.87 13.87
N MET A 359 5.81 -14.66 13.35
CA MET A 359 4.69 -13.79 13.67
C MET A 359 3.38 -14.41 13.20
N TRP A 360 3.41 -14.94 11.99
CA TRP A 360 2.26 -15.65 11.45
C TRP A 360 2.01 -16.96 12.17
N LYS A 361 3.08 -17.69 12.47
CA LYS A 361 2.94 -18.98 13.14
C LYS A 361 2.34 -18.82 14.53
N LYS A 362 2.79 -17.77 15.22
CA LYS A 362 2.27 -17.46 16.55
C LYS A 362 0.84 -16.95 16.52
N HIS A 363 0.57 -15.96 15.68
CA HIS A 363 -0.71 -15.22 15.75
C HIS A 363 -1.70 -15.52 14.63
N GLU A 364 -1.44 -16.60 13.89
CA GLU A 364 -2.28 -17.07 12.79
C GLU A 364 -3.78 -16.89 13.04
N GLN A 365 -4.24 -17.41 14.17
CA GLN A 365 -5.67 -17.53 14.43
C GLN A 365 -6.35 -16.22 14.85
N LYS A 366 -5.58 -15.14 14.92
CA LYS A 366 -6.13 -13.79 15.03
C LYS A 366 -6.44 -13.15 13.65
N ALA A 367 -5.83 -13.69 12.60
CA ALA A 367 -5.92 -13.13 11.26
C ALA A 367 -6.74 -13.99 10.30
N VAL A 368 -6.73 -15.30 10.53
CA VAL A 368 -7.40 -16.26 9.64
C VAL A 368 -8.02 -17.38 10.49
N GLY A 369 -8.82 -18.23 9.86
CA GLY A 369 -9.56 -19.29 10.54
C GLY A 369 -10.60 -18.69 11.45
N ALA A 370 -10.39 -18.84 12.76
CA ALA A 370 -11.21 -18.21 13.78
C ALA A 370 -11.15 -16.69 13.69
N GLY A 371 -9.98 -16.17 13.27
CA GLY A 371 -9.75 -14.74 13.20
C GLY A 371 -10.18 -14.11 11.90
N HIS A 372 -9.68 -12.91 11.63
CA HIS A 372 -10.13 -12.11 10.50
C HIS A 372 -9.11 -11.00 10.16
N GLY A 373 -9.00 -10.69 8.86
CA GLY A 373 -8.18 -9.57 8.38
C GLY A 373 -7.02 -10.01 7.50
N GLY A 374 -6.43 -11.17 7.82
CA GLY A 374 -5.30 -11.68 7.07
C GLY A 374 -4.03 -10.85 7.29
N MET A 375 -3.37 -10.47 6.20
CA MET A 375 -2.20 -9.57 6.24
C MET A 375 -2.52 -8.21 6.85
N ASP A 376 -3.76 -7.77 6.67
CA ASP A 376 -4.22 -6.51 7.25
C ASP A 376 -4.30 -6.55 8.77
N TYR A 377 -4.60 -7.70 9.35
CA TYR A 377 -4.58 -7.81 10.80
C TYR A 377 -3.19 -7.46 11.32
N PHE A 378 -2.18 -8.07 10.70
CA PHE A 378 -0.80 -7.94 11.16
C PHE A 378 -0.28 -6.52 10.97
N LEU A 379 -0.65 -5.88 9.87
CA LEU A 379 -0.25 -4.49 9.60
C LEU A 379 -0.77 -3.55 10.66
N ASP A 380 -2.08 -3.60 10.88
CA ASP A 380 -2.71 -2.74 11.88
C ASP A 380 -2.34 -3.14 13.32
N ASN A 381 -1.98 -4.40 13.54
CA ASN A 381 -1.46 -4.81 14.84
C ASN A 381 -0.14 -4.11 15.19
N THR A 382 0.76 -4.07 14.21
CA THR A 382 2.03 -3.36 14.35
C THR A 382 1.80 -1.87 14.65
N PHE A 383 0.87 -1.27 13.92
CA PHE A 383 0.49 0.13 14.15
C PHE A 383 0.13 0.37 15.60
N VAL A 384 -0.75 -0.47 16.14
CA VAL A 384 -1.25 -0.30 17.49
C VAL A 384 -0.18 -0.62 18.53
N GLU A 385 0.55 -1.70 18.34
CA GLU A 385 1.59 -2.11 19.29
C GLU A 385 2.75 -1.12 19.35
N CYS A 386 3.04 -0.47 18.23
CA CYS A 386 4.09 0.56 18.21
C CYS A 386 3.67 1.82 19.00
N ILE A 387 2.37 2.12 18.99
CA ILE A 387 1.82 3.26 19.73
C ILE A 387 1.82 2.98 21.23
N LYS A 388 1.31 1.80 21.60
CA LYS A 388 1.26 1.35 22.98
C LYS A 388 2.64 1.30 23.63
N ARG A 389 3.61 0.82 22.87
CA ARG A 389 4.98 0.63 23.34
C ARG A 389 5.87 1.88 23.15
N ASN A 390 5.32 2.90 22.47
CA ASN A 390 6.00 4.17 22.15
C ASN A 390 7.26 3.98 21.31
N GLU A 391 7.19 3.07 20.34
CA GLU A 391 8.33 2.71 19.51
C GLU A 391 8.16 3.15 18.06
N ALA A 392 9.29 3.34 17.38
CA ALA A 392 9.31 3.75 15.98
C ALA A 392 8.65 2.70 15.10
N PHE A 393 7.92 3.17 14.10
CA PHE A 393 7.30 2.28 13.11
C PHE A 393 8.40 1.73 12.21
N PRO A 394 8.25 0.46 11.76
CA PRO A 394 9.24 -0.21 10.91
C PRO A 394 9.18 0.23 9.45
N LEU A 395 7.99 0.69 9.05
CA LEU A 395 7.75 1.36 7.78
C LEU A 395 7.26 2.76 8.13
N ASP A 396 8.17 3.72 8.11
CA ASP A 396 7.94 5.05 8.69
C ASP A 396 7.76 6.18 7.64
N VAL A 397 7.76 7.42 8.09
CA VAL A 397 7.49 8.58 7.22
C VAL A 397 8.51 8.75 6.07
N TYR A 398 9.73 8.25 6.28
CA TYR A 398 10.78 8.34 5.28
C TYR A 398 10.50 7.37 4.15
N ASP A 399 9.95 6.22 4.53
CA ASP A 399 9.60 5.17 3.58
C ASP A 399 8.39 5.58 2.76
N LEU A 400 7.40 6.16 3.43
CA LEU A 400 6.24 6.72 2.75
C LEU A 400 6.70 7.68 1.67
N ALA A 401 7.53 8.64 2.05
CA ALA A 401 8.01 9.69 1.15
C ALA A 401 8.76 9.10 -0.04
N THR A 402 9.52 8.05 0.24
CA THR A 402 10.32 7.38 -0.80
C THR A 402 9.48 6.69 -1.85
N TRP A 403 8.53 5.88 -1.38
CA TRP A 403 7.67 5.13 -2.27
C TRP A 403 6.77 6.09 -3.02
N TYR A 404 6.21 7.04 -2.28
CA TYR A 404 5.35 8.07 -2.83
C TYR A 404 6.04 8.82 -3.95
N SER A 405 7.32 9.13 -3.79
CA SER A 405 8.09 9.85 -4.79
C SER A 405 8.26 9.10 -6.12
N ILE A 406 8.18 7.76 -6.09
CA ILE A 406 8.27 6.99 -7.34
C ILE A 406 7.22 7.47 -8.36
N THR A 407 6.05 7.90 -7.88
CA THR A 407 4.97 8.32 -8.77
C THR A 407 5.27 9.61 -9.56
N PRO A 408 5.51 10.74 -8.88
CA PRO A 408 5.83 11.96 -9.64
C PRO A 408 7.12 11.91 -10.47
N LEU A 409 8.08 11.10 -10.04
CA LEU A 409 9.34 10.96 -10.76
C LEU A 409 9.17 10.07 -11.99
N SER A 410 8.28 9.09 -11.91
CA SER A 410 7.95 8.24 -13.07
C SER A 410 7.21 9.06 -14.13
N GLU A 411 6.32 9.92 -13.66
CA GLU A 411 5.61 10.84 -14.57
C GLU A 411 6.56 11.77 -15.30
N LYS A 412 7.58 12.25 -14.59
CA LYS A 412 8.58 13.14 -15.16
C LYS A 412 9.47 12.38 -16.16
N SER A 413 9.78 11.14 -15.83
CA SER A 413 10.55 10.26 -16.71
C SER A 413 9.82 9.98 -18.04
N ILE A 414 8.51 9.73 -17.96
CA ILE A 414 7.68 9.45 -19.13
C ILE A 414 7.52 10.69 -20.02
N ALA A 415 7.33 11.85 -19.39
CA ALA A 415 7.31 13.12 -20.11
C ALA A 415 8.64 13.40 -20.82
N GLU A 416 9.72 12.86 -20.24
CA GLU A 416 11.07 13.01 -20.80
C GLU A 416 11.52 11.75 -21.55
N ASN A 417 10.55 10.99 -22.07
CA ASN A 417 10.79 9.76 -22.85
C ASN A 417 11.75 8.79 -22.18
N GLY A 418 11.49 8.53 -20.90
CA GLY A 418 12.23 7.54 -20.13
C GLY A 418 13.48 8.03 -19.43
N ALA A 419 13.73 9.33 -19.48
CA ALA A 419 14.92 9.93 -18.86
C ALA A 419 15.02 9.57 -17.39
N VAL A 420 16.25 9.37 -16.92
CA VAL A 420 16.49 8.90 -15.56
C VAL A 420 16.28 10.02 -14.54
N GLN A 421 15.40 9.77 -13.58
CA GLN A 421 15.15 10.68 -12.48
C GLN A 421 15.90 10.22 -11.23
N GLU A 422 16.57 11.16 -10.57
CA GLU A 422 17.23 10.89 -9.30
CA GLU A 422 17.22 10.88 -9.29
C GLU A 422 16.16 10.83 -8.20
N ILE A 423 16.19 9.80 -7.38
CA ILE A 423 15.26 9.69 -6.25
C ILE A 423 15.89 10.35 -5.02
N PRO A 424 15.21 11.35 -4.43
CA PRO A 424 15.80 12.04 -3.27
C PRO A 424 16.05 11.13 -2.08
N ASP A 425 17.00 11.53 -1.25
CA ASP A 425 17.26 10.90 0.03
C ASP A 425 16.49 11.67 1.09
N PHE A 426 15.32 11.17 1.43
CA PHE A 426 14.44 11.81 2.39
C PHE A 426 14.95 11.66 3.82
N THR A 427 15.95 10.80 4.02
CA THR A 427 16.51 10.54 5.35
C THR A 427 17.70 11.43 5.70
N ASN A 428 18.25 12.16 4.73
CA ASN A 428 19.44 12.97 4.94
C ASN A 428 20.60 12.22 5.64
N GLY A 429 21.06 11.14 5.01
CA GLY A 429 22.16 10.33 5.57
C GLY A 429 21.76 9.28 6.60
N LYS A 430 20.59 9.41 7.21
CA LYS A 430 20.13 8.48 8.26
C LYS A 430 19.95 7.04 7.78
N TRP A 431 19.78 6.85 6.47
CA TRP A 431 19.64 5.52 5.88
C TRP A 431 20.85 4.60 6.09
N LYS A 432 22.02 5.21 6.27
CA LYS A 432 23.27 4.46 6.35
C LYS A 432 23.32 3.60 7.60
N ASN A 433 22.96 4.19 8.74
CA ASN A 433 23.08 3.54 10.04
C ASN A 433 21.77 3.08 10.66
N ALA A 434 20.65 3.40 10.02
CA ALA A 434 19.34 2.92 10.45
C ALA A 434 19.24 1.41 10.30
N LYS A 435 18.53 0.76 11.22
CA LYS A 435 18.43 -0.69 11.25
C LYS A 435 17.03 -1.12 10.89
N ASN A 436 16.95 -2.22 10.15
CA ASN A 436 15.71 -2.84 9.73
C ASN A 436 15.00 -3.40 10.96
N THR A 437 13.80 -2.88 11.24
CA THR A 437 13.01 -3.30 12.38
C THR A 437 11.65 -3.86 11.95
N PHE A 438 11.51 -4.14 10.65
CA PHE A 438 10.28 -4.71 10.13
C PHE A 438 10.22 -6.21 10.42
N ALA A 439 9.18 -6.64 11.15
CA ALA A 439 8.93 -8.04 11.44
C ALA A 439 10.16 -8.78 11.93
N ILE A 440 10.86 -8.16 12.88
CA ILE A 440 12.06 -8.73 13.49
C ILE A 440 11.77 -9.44 14.82
N ASN A 441 10.49 -9.53 15.18
CA ASN A 441 10.07 -10.40 16.27
C ASN A 441 8.74 -11.08 15.90
N ASP A 442 8.28 -11.96 16.79
CA ASP A 442 7.07 -12.75 16.52
C ASP A 442 5.76 -12.10 16.93
N ASP A 443 5.82 -10.85 17.38
CA ASP A 443 4.63 -10.18 17.92
C ASP A 443 4.16 -8.99 17.10
N TYR A 444 5.08 -8.15 16.62
CA TYR A 444 4.67 -6.92 15.92
C TYR A 444 5.78 -6.36 15.04
PA NAD B . -13.34 4.99 -1.34
O1A NAD B . -13.87 5.95 -2.41
O2A NAD B . -14.20 3.84 -1.07
O5B NAD B . -13.11 5.80 0.03
C5B NAD B . -12.76 7.17 0.04
C4B NAD B . -13.54 7.84 1.16
O4B NAD B . -12.92 9.08 1.46
C3B NAD B . -14.99 8.12 0.82
O3B NAD B . -15.84 7.61 1.82
C2B NAD B . -15.05 9.64 0.75
O2B NAD B . -16.31 10.17 1.11
C1B NAD B . -13.94 10.01 1.72
N9A NAD B . -13.41 11.38 1.57
C8A NAD B . -13.14 12.06 0.42
N7A NAD B . -12.68 13.29 0.77
C5A NAD B . -12.66 13.39 2.11
C6A NAD B . -12.29 14.41 2.97
N6A NAD B . -11.86 15.57 2.47
N1A NAD B . -12.39 14.22 4.33
C2A NAD B . -12.85 13.02 4.84
N3A NAD B . -13.21 12.00 3.98
C4A NAD B . -13.12 12.19 2.64
O3 NAD B . -11.84 4.53 -1.75
PN NAD B . -10.97 3.45 -0.96
O1N NAD B . -10.99 2.20 -1.75
O2N NAD B . -11.38 3.35 0.44
O5D NAD B . -9.47 4.03 -1.10
C5D NAD B . -8.95 5.04 -0.27
C4D NAD B . -7.45 4.90 -0.06
O4D NAD B . -7.16 3.57 0.33
C3D NAD B . -6.64 5.15 -1.32
O3D NAD B . -5.42 5.76 -1.01
C2D NAD B . -6.43 3.75 -1.87
O2D NAD B . -5.33 3.65 -2.74
C1D NAD B . -6.26 2.97 -0.58
N1N NAD B . -6.50 1.51 -0.68
C2N NAD B . -5.58 0.67 -0.11
C3N NAD B . -5.76 -0.71 -0.16
C7N NAD B . -4.76 -1.63 0.46
O7N NAD B . -4.95 -3.02 0.39
N7N NAD B . -3.70 -1.13 1.09
C4N NAD B . -6.88 -1.23 -0.81
C5N NAD B . -7.80 -0.37 -1.39
C6N NAD B . -7.59 1.00 -1.32
C1 MRD C . -7.35 -6.79 -2.85
C2 MRD C . -6.72 -6.68 -1.46
O2 MRD C . -7.21 -7.79 -0.65
CM MRD C . -7.18 -5.39 -0.77
C3 MRD C . -5.20 -6.75 -1.56
C4 MRD C . -4.56 -5.64 -2.39
O4 MRD C . -4.55 -5.99 -3.75
C5 MRD C . -3.12 -5.40 -1.93
C1 MRD D . 12.44 -1.52 16.76
C2 MRD D . 11.15 -2.20 17.23
O2 MRD D . 10.98 -1.87 18.63
CM MRD D . 11.26 -3.72 17.12
C3 MRD D . 9.95 -1.61 16.51
C4 MRD D . 9.56 -2.32 15.21
O4 MRD D . 9.09 -1.36 14.31
C5 MRD D . 8.47 -3.37 15.44
C1 MPD E . 14.70 -30.09 4.33
C2 MPD E . 14.03 -28.80 4.81
O2 MPD E . 14.57 -27.68 4.05
CM MPD E . 14.35 -28.58 6.29
C3 MPD E . 12.51 -28.88 4.63
C4 MPD E . 12.01 -28.61 3.21
O4 MPD E . 10.81 -29.31 3.04
C5 MPD E . 11.74 -27.15 2.94
C1 MPD F . 11.06 12.07 14.34
C2 MPD F . 9.92 11.08 14.55
O2 MPD F . 8.68 11.82 14.44
CM MPD F . 9.98 10.51 15.97
C3 MPD F . 9.94 9.93 13.55
C4 MPD F . 9.91 10.36 12.09
O4 MPD F . 8.80 11.22 11.85
C5 MPD F . 11.18 11.08 11.66
#